data_5ZOD
#
_entry.id   5ZOD
#
_cell.length_a   40.950
_cell.length_b   61.070
_cell.length_c   110.450
_cell.angle_alpha   90.00
_cell.angle_beta   90.00
_cell.angle_gamma   90.00
#
_symmetry.space_group_name_H-M   'P 21 21 21'
#
loop_
_entity.id
_entity.type
_entity.pdbx_description
1 polymer 'Flap endonuclease 1'
2 non-polymer 'MAGNESIUM ION'
3 non-polymer 'POTASSIUM ION'
4 water water
#
_entity_poly.entity_id   1
_entity_poly.type   'polypeptide(L)'
_entity_poly.pdbx_seq_one_letter_code
;MGIQGLAKLIADVAPSAIRENDIKSYFGRKVAIDASMSIYQFLIAVRQGGDVLQNEEGETTSHLMGMFYRTIRMMENGIK
PVYVFDGKPPQLKSGELAKRSERRAEAEKQLQQAQAAGAEQEVEKFTKRLVKVTKQHNDECKHLLSLMGIPYLDAPSEAE
ASCAALVKAGKVYAAATEDMDCLTFGSPVLMRHLTASEAKKLPIQEFHLSRILQELGLNQEQFVDLCILLGSDYCESIRG
IGPKRAVDLIQKHKSIEEIVRRLDPNKYPVPENWLHKEAHQLFLEPEVLDPESVELKWSEPNEEELIKFMCGEKQFSEER
IRSGVKRLSKSRQ
;
_entity_poly.pdbx_strand_id   A
#
# COMPACT_ATOMS: atom_id res chain seq x y z
N GLY A 2 6.81 5.81 -2.73
CA GLY A 2 7.57 4.93 -1.85
C GLY A 2 8.31 5.64 -0.74
N ILE A 3 9.03 4.88 0.08
CA ILE A 3 10.02 5.43 1.01
C ILE A 3 11.32 4.70 0.75
N GLN A 4 12.33 5.44 0.31
CA GLN A 4 13.61 4.85 -0.05
C GLN A 4 14.26 4.19 1.17
N GLY A 5 14.66 2.94 1.01
CA GLY A 5 15.40 2.23 2.03
C GLY A 5 14.64 1.81 3.27
N LEU A 6 13.33 2.07 3.34
CA LEU A 6 12.61 1.82 4.59
C LEU A 6 12.51 0.33 4.89
N ALA A 7 12.19 -0.48 3.88
CA ALA A 7 12.05 -1.92 4.10
C ALA A 7 13.36 -2.53 4.60
N LYS A 8 14.48 -2.19 3.96
CA LYS A 8 15.77 -2.71 4.39
C LYS A 8 16.12 -2.20 5.79
N LEU A 9 15.82 -0.93 6.06
CA LEU A 9 16.09 -0.38 7.39
C LEU A 9 15.32 -1.12 8.46
N ILE A 10 14.03 -1.37 8.23
CA ILE A 10 13.22 -2.10 9.21
C ILE A 10 13.79 -3.50 9.43
N ALA A 11 14.16 -4.20 8.36
CA ALA A 11 14.77 -5.52 8.53
C ALA A 11 16.03 -5.43 9.36
N ASP A 12 16.79 -4.33 9.22
CA ASP A 12 18.04 -4.19 9.96
C ASP A 12 17.80 -3.88 11.44
N VAL A 13 16.94 -2.92 11.74
CA VAL A 13 16.84 -2.36 13.09
C VAL A 13 15.49 -2.63 13.76
N ALA A 14 14.48 -3.14 13.04
CA ALA A 14 13.20 -3.51 13.64
C ALA A 14 12.71 -4.81 13.05
N PRO A 15 13.49 -5.90 13.20
CA PRO A 15 13.15 -7.13 12.47
C PRO A 15 11.86 -7.77 12.95
N SER A 16 11.51 -7.57 14.23
CA SER A 16 10.27 -8.13 14.77
C SER A 16 9.04 -7.56 14.09
N ALA A 17 9.17 -6.42 13.42
CA ALA A 17 8.05 -5.79 12.74
C ALA A 17 7.73 -6.40 11.39
N ILE A 18 8.57 -7.30 10.87
CA ILE A 18 8.35 -7.90 9.56
C ILE A 18 8.12 -9.40 9.74
N ARG A 19 7.20 -9.92 8.94
CA ARG A 19 6.93 -11.33 8.88
C ARG A 19 6.76 -11.71 7.41
N GLU A 20 7.35 -12.83 7.00
CA GLU A 20 7.19 -13.36 5.66
C GLU A 20 6.26 -14.56 5.74
N ASN A 21 5.15 -14.49 5.01
CA ASN A 21 4.10 -15.50 5.10
C ASN A 21 3.72 -16.01 3.72
N ASP A 22 3.32 -17.28 3.69
CA ASP A 22 2.74 -17.86 2.49
C ASP A 22 1.39 -17.24 2.22
N ILE A 23 1.03 -17.13 0.94
CA ILE A 23 -0.26 -16.54 0.60
C ILE A 23 -1.41 -17.36 1.16
N LYS A 24 -1.19 -18.67 1.34
CA LYS A 24 -2.23 -19.54 1.88
C LYS A 24 -2.68 -19.10 3.27
N SER A 25 -1.83 -18.42 4.03
CA SER A 25 -2.12 -18.12 5.42
C SER A 25 -3.09 -16.96 5.60
N TYR A 26 -3.49 -16.28 4.51
CA TYR A 26 -4.39 -15.15 4.60
C TYR A 26 -5.85 -15.51 4.31
N PHE A 27 -6.20 -16.78 4.48
CA PHE A 27 -7.58 -17.21 4.24
C PHE A 27 -8.53 -16.43 5.14
N GLY A 28 -9.59 -15.89 4.53
CA GLY A 28 -10.60 -15.15 5.25
C GLY A 28 -10.30 -13.69 5.47
N ARG A 29 -9.11 -13.23 5.11
CA ARG A 29 -8.74 -11.84 5.34
C ARG A 29 -9.28 -10.93 4.23
N LYS A 30 -9.84 -9.80 4.64
CA LYS A 30 -10.14 -8.69 3.73
C LYS A 30 -8.89 -7.84 3.59
N VAL A 31 -8.57 -7.46 2.36
CA VAL A 31 -7.37 -6.67 2.08
C VAL A 31 -7.73 -5.52 1.15
N ALA A 32 -7.26 -4.32 1.48
CA ALA A 32 -7.45 -3.14 0.64
C ALA A 32 -6.21 -2.99 -0.25
N ILE A 33 -6.42 -3.02 -1.57
CA ILE A 33 -5.32 -3.03 -2.53
C ILE A 33 -5.17 -1.66 -3.17
N ASP A 34 -3.93 -1.16 -3.18
CA ASP A 34 -3.55 0.05 -3.90
C ASP A 34 -3.60 -0.28 -5.39
N ALA A 35 -4.69 0.10 -6.05
CA ALA A 35 -4.90 -0.32 -7.44
C ALA A 35 -3.85 0.27 -8.38
N SER A 36 -3.45 1.51 -8.20
CA SER A 36 -2.44 2.02 -9.11
C SER A 36 -1.09 1.31 -9.00
N MET A 37 -0.63 1.04 -7.80
CA MET A 37 0.65 0.35 -7.66
C MET A 37 0.58 -1.04 -8.26
N SER A 38 -0.57 -1.69 -8.14
CA SER A 38 -0.70 -3.05 -8.67
C SER A 38 -0.60 -3.12 -10.19
N HIS A 63 -3.14 -5.13 -19.02
CA HIS A 63 -3.28 -5.04 -17.57
C HIS A 63 -4.54 -5.76 -17.09
N LEU A 64 -5.57 -5.80 -17.94
CA LEU A 64 -6.82 -6.44 -17.55
C LEU A 64 -6.62 -7.92 -17.22
N MET A 65 -5.86 -8.63 -18.07
CA MET A 65 -5.65 -10.06 -17.83
C MET A 65 -4.87 -10.29 -16.55
N GLY A 66 -3.89 -9.42 -16.26
CA GLY A 66 -3.15 -9.53 -15.02
C GLY A 66 -4.02 -9.31 -13.80
N MET A 67 -4.88 -8.29 -13.83
CA MET A 67 -5.81 -8.08 -12.72
C MET A 67 -6.74 -9.28 -12.56
N PHE A 68 -7.24 -9.82 -13.68
CA PHE A 68 -8.08 -11.01 -13.66
C PHE A 68 -7.38 -12.17 -12.93
N TYR A 69 -6.14 -12.45 -13.32
CA TYR A 69 -5.43 -13.60 -12.75
C TYR A 69 -5.05 -13.36 -11.29
N ARG A 70 -4.51 -12.19 -10.97
CA ARG A 70 -4.11 -11.90 -9.60
C ARG A 70 -5.30 -11.95 -8.65
N THR A 71 -6.43 -11.40 -9.07
CA THR A 71 -7.62 -11.41 -8.22
C THR A 71 -8.12 -12.84 -8.00
N ILE A 72 -8.09 -13.65 -9.05
CA ILE A 72 -8.47 -15.05 -8.91
C ILE A 72 -7.54 -15.76 -7.94
N ARG A 73 -6.23 -15.49 -8.05
CA ARG A 73 -5.28 -16.12 -7.15
C ARG A 73 -5.56 -15.75 -5.69
N MET A 74 -5.89 -14.48 -5.44
CA MET A 74 -6.26 -14.08 -4.09
C MET A 74 -7.53 -14.80 -3.63
N MET A 75 -8.54 -14.85 -4.48
CA MET A 75 -9.81 -15.47 -4.08
C MET A 75 -9.66 -16.97 -3.86
N GLU A 76 -8.80 -17.61 -4.67
CA GLU A 76 -8.56 -19.05 -4.50
C GLU A 76 -7.97 -19.36 -3.12
N ASN A 77 -7.28 -18.39 -2.53
CA ASN A 77 -6.66 -18.54 -1.23
C ASN A 77 -7.52 -17.99 -0.11
N GLY A 78 -8.78 -17.65 -0.40
CA GLY A 78 -9.67 -17.14 0.61
C GLY A 78 -9.53 -15.67 0.92
N ILE A 79 -8.68 -14.95 0.20
CA ILE A 79 -8.48 -13.52 0.44
C ILE A 79 -9.58 -12.74 -0.26
N LYS A 80 -10.18 -11.79 0.45
CA LYS A 80 -11.24 -10.96 -0.12
C LYS A 80 -10.69 -9.56 -0.39
N PRO A 81 -10.29 -9.25 -1.61
CA PRO A 81 -9.72 -7.93 -1.91
C PRO A 81 -10.76 -6.88 -2.22
N VAL A 82 -10.44 -5.64 -1.85
CA VAL A 82 -11.16 -4.47 -2.30
C VAL A 82 -10.14 -3.54 -2.94
N TYR A 83 -10.36 -3.17 -4.20
CA TYR A 83 -9.43 -2.33 -4.94
C TYR A 83 -9.75 -0.86 -4.69
N VAL A 84 -8.71 -0.09 -4.38
CA VAL A 84 -8.85 1.33 -4.10
C VAL A 84 -8.10 2.08 -5.19
N PHE A 85 -8.82 2.95 -5.90
CA PHE A 85 -8.26 3.71 -7.01
C PHE A 85 -7.88 5.12 -6.58
N ASP A 86 -6.75 5.60 -7.12
CA ASP A 86 -6.30 6.96 -6.84
C ASP A 86 -7.36 7.98 -7.21
N GLY A 87 -7.44 9.04 -6.42
CA GLY A 87 -8.13 10.26 -6.77
C GLY A 87 -7.18 11.29 -7.33
N LYS A 88 -7.44 12.56 -7.05
CA LYS A 88 -6.54 13.60 -7.49
C LYS A 88 -5.25 13.56 -6.66
N PRO A 89 -4.09 13.68 -7.33
CA PRO A 89 -2.84 13.64 -6.56
C PRO A 89 -2.69 14.87 -5.70
N PRO A 90 -1.94 14.78 -4.61
CA PRO A 90 -1.72 15.98 -3.78
C PRO A 90 -0.84 16.97 -4.53
N GLN A 91 -0.99 18.24 -4.19
CA GLN A 91 -0.15 19.29 -4.76
C GLN A 91 -0.01 20.46 -3.81
N ASN A 138 -9.69 3.23 -13.57
CA ASN A 138 -9.96 2.97 -14.97
C ASN A 138 -11.33 2.30 -15.15
N ASP A 139 -12.10 2.79 -16.13
CA ASP A 139 -13.44 2.26 -16.33
C ASP A 139 -13.40 0.77 -16.68
N GLU A 140 -12.41 0.36 -17.48
CA GLU A 140 -12.30 -1.05 -17.87
C GLU A 140 -12.01 -1.93 -16.66
N CYS A 141 -11.03 -1.52 -15.82
CA CYS A 141 -10.72 -2.28 -14.62
C CYS A 141 -11.93 -2.39 -13.70
N LYS A 142 -12.67 -1.29 -13.54
CA LYS A 142 -13.86 -1.32 -12.69
C LYS A 142 -14.93 -2.22 -13.28
N HIS A 143 -15.10 -2.19 -14.60
CA HIS A 143 -16.07 -3.07 -15.24
C HIS A 143 -15.72 -4.53 -14.98
N LEU A 144 -14.44 -4.88 -15.15
CA LEU A 144 -14.00 -6.25 -14.88
C LEU A 144 -14.28 -6.63 -13.43
N LEU A 145 -13.99 -5.73 -12.49
CA LEU A 145 -14.20 -6.05 -11.08
C LEU A 145 -15.67 -6.25 -10.76
N SER A 146 -16.54 -5.37 -11.28
CA SER A 146 -17.97 -5.55 -11.07
C SER A 146 -18.45 -6.90 -11.59
N LEU A 147 -18.00 -7.28 -12.78
CA LEU A 147 -18.44 -8.55 -13.35
C LEU A 147 -17.84 -9.72 -12.58
N MET A 148 -16.68 -9.54 -11.96
CA MET A 148 -16.07 -10.58 -11.13
C MET A 148 -16.70 -10.68 -9.74
N GLY A 149 -17.50 -9.70 -9.34
CA GLY A 149 -18.04 -9.67 -7.99
C GLY A 149 -17.09 -9.11 -6.95
N ILE A 150 -16.12 -8.31 -7.37
CA ILE A 150 -15.08 -7.79 -6.49
C ILE A 150 -15.36 -6.32 -6.24
N PRO A 151 -15.43 -5.86 -4.99
CA PRO A 151 -15.74 -4.45 -4.73
C PRO A 151 -14.53 -3.55 -4.97
N TYR A 152 -14.82 -2.29 -5.26
CA TYR A 152 -13.77 -1.30 -5.39
C TYR A 152 -14.25 0.03 -4.86
N LEU A 153 -13.31 0.93 -4.59
CA LEU A 153 -13.58 2.25 -4.05
C LEU A 153 -12.72 3.28 -4.77
N ASP A 154 -13.29 4.48 -4.93
CA ASP A 154 -12.56 5.63 -5.46
C ASP A 154 -12.03 6.43 -4.27
N ALA A 155 -10.71 6.53 -4.16
CA ALA A 155 -10.16 7.38 -3.11
C ALA A 155 -10.21 8.84 -3.55
N PRO A 156 -10.39 9.76 -2.61
CA PRO A 156 -10.35 11.18 -2.96
C PRO A 156 -8.97 11.59 -3.42
N SER A 157 -7.93 11.04 -2.80
CA SER A 157 -6.56 11.36 -3.17
C SER A 157 -5.66 10.12 -3.35
N GLU A 158 -4.60 10.00 -2.56
CA GLU A 158 -3.69 8.86 -2.69
C GLU A 158 -4.39 7.58 -2.23
N ALA A 159 -4.35 6.56 -3.07
CA ALA A 159 -5.09 5.33 -2.78
C ALA A 159 -4.58 4.66 -1.50
N GLU A 160 -3.26 4.59 -1.33
CA GLU A 160 -2.72 3.84 -0.19
C GLU A 160 -3.00 4.55 1.12
N ALA A 161 -3.25 5.86 1.10
CA ALA A 161 -3.71 6.54 2.30
C ALA A 161 -5.12 6.11 2.67
N SER A 162 -5.99 5.93 1.67
CA SER A 162 -7.34 5.43 1.95
C SER A 162 -7.31 3.97 2.36
N CYS A 163 -6.38 3.19 1.78
CA CYS A 163 -6.17 1.82 2.26
C CYS A 163 -5.79 1.82 3.73
N ALA A 164 -4.92 2.73 4.14
CA ALA A 164 -4.56 2.85 5.55
C ALA A 164 -5.79 3.19 6.39
N ALA A 165 -6.64 4.08 5.90
CA ALA A 165 -7.84 4.45 6.65
C ALA A 165 -8.77 3.26 6.83
N LEU A 166 -8.87 2.40 5.81
CA LEU A 166 -9.73 1.23 5.90
C LEU A 166 -9.20 0.25 6.95
N VAL A 167 -7.88 0.12 7.05
CA VAL A 167 -7.30 -0.72 8.11
C VAL A 167 -7.55 -0.10 9.47
N LYS A 168 -7.31 1.20 9.62
CA LYS A 168 -7.54 1.87 10.90
C LYS A 168 -8.99 1.71 11.35
N ALA A 169 -9.93 1.73 10.41
CA ALA A 169 -11.35 1.63 10.75
C ALA A 169 -11.81 0.20 10.98
N GLY A 170 -10.92 -0.78 10.85
CA GLY A 170 -11.29 -2.17 11.04
C GLY A 170 -12.09 -2.79 9.91
N LYS A 171 -12.14 -2.13 8.74
CA LYS A 171 -12.93 -2.66 7.63
C LYS A 171 -12.15 -3.74 6.86
N VAL A 172 -10.83 -3.70 6.89
CA VAL A 172 -9.99 -4.70 6.25
C VAL A 172 -8.86 -5.05 7.21
N TYR A 173 -8.25 -6.21 6.97
CA TYR A 173 -7.16 -6.67 7.81
C TYR A 173 -5.88 -5.89 7.54
N ALA A 174 -5.62 -5.58 6.28
CA ALA A 174 -4.35 -4.94 5.91
C ALA A 174 -4.50 -4.19 4.60
N ALA A 175 -3.55 -3.32 4.35
CA ALA A 175 -3.38 -2.68 3.05
C ALA A 175 -2.32 -3.45 2.27
N ALA A 176 -2.54 -3.60 0.97
CA ALA A 176 -1.64 -4.31 0.07
C ALA A 176 -1.13 -3.33 -0.98
N THR A 177 0.17 -3.05 -0.93
CA THR A 177 0.82 -2.19 -1.91
C THR A 177 2.32 -2.37 -1.80
N GLU A 178 3.02 -2.10 -2.90
CA GLU A 178 4.48 -2.04 -2.87
C GLU A 178 4.97 -0.71 -2.30
N ASP A 179 4.09 0.27 -2.15
CA ASP A 179 4.45 1.61 -1.71
C ASP A 179 4.64 1.60 -0.20
N MET A 180 5.90 1.67 0.25
CA MET A 180 6.19 1.64 1.68
C MET A 180 5.61 2.83 2.42
N ASP A 181 5.25 3.91 1.72
CA ASP A 181 4.72 5.08 2.43
C ASP A 181 3.31 4.84 2.95
N CYS A 182 2.71 3.69 2.64
CA CYS A 182 1.44 3.32 3.27
C CYS A 182 1.60 3.28 4.78
N LEU A 183 2.77 2.81 5.26
CA LEU A 183 3.06 2.88 6.69
C LEU A 183 3.18 4.32 7.16
N THR A 184 3.82 5.16 6.35
CA THR A 184 3.94 6.58 6.68
C THR A 184 2.58 7.24 6.79
N PHE A 185 1.63 6.84 5.95
CA PHE A 185 0.25 7.31 6.07
C PHE A 185 -0.48 6.69 7.24
N GLY A 186 0.17 5.82 8.01
CA GLY A 186 -0.38 5.36 9.27
C GLY A 186 -1.05 3.99 9.25
N SER A 187 -0.92 3.24 8.16
CA SER A 187 -1.58 1.94 8.11
C SER A 187 -1.02 1.01 9.17
N PRO A 188 -1.85 0.45 10.05
CA PRO A 188 -1.33 -0.52 11.04
C PRO A 188 -0.69 -1.74 10.41
N VAL A 189 -1.12 -2.18 9.23
CA VAL A 189 -0.57 -3.37 8.60
C VAL A 189 -0.38 -3.11 7.11
N LEU A 190 0.79 -3.49 6.60
CA LEU A 190 1.09 -3.39 5.18
C LEU A 190 1.57 -4.75 4.69
N MET A 191 0.95 -5.23 3.61
CA MET A 191 1.33 -6.49 2.98
C MET A 191 1.93 -6.18 1.62
N ARG A 192 3.15 -6.64 1.39
CA ARG A 192 3.79 -6.47 0.10
C ARG A 192 3.89 -7.81 -0.63
N HIS A 193 3.86 -7.72 -1.96
CA HIS A 193 4.04 -8.82 -2.92
C HIS A 193 2.80 -9.69 -3.07
N LEU A 194 1.66 -9.26 -2.52
CA LEU A 194 0.43 -10.01 -2.71
C LEU A 194 0.02 -10.05 -4.18
N THR A 195 0.24 -8.95 -4.90
CA THR A 195 -0.11 -8.83 -6.30
C THR A 195 0.97 -9.40 -7.22
N ALA A 196 2.03 -9.92 -6.66
CA ALA A 196 3.08 -10.48 -7.47
C ALA A 196 2.54 -11.73 -8.15
N SER A 197 3.04 -12.01 -9.33
CA SER A 197 2.61 -13.21 -10.05
C SER A 197 3.05 -14.44 -9.27
N GLU A 198 2.28 -15.52 -9.38
CA GLU A 198 2.57 -16.74 -8.64
C GLU A 198 3.91 -17.38 -9.00
N ALA A 199 4.31 -17.21 -10.24
CA ALA A 199 5.56 -17.75 -10.74
C ALA A 199 6.79 -17.20 -10.02
N LYS A 200 6.74 -15.93 -9.65
CA LYS A 200 7.85 -15.24 -9.01
C LYS A 200 8.29 -15.84 -7.67
N LYS A 201 7.43 -16.62 -7.04
CA LYS A 201 7.77 -17.26 -5.79
C LYS A 201 8.17 -16.32 -4.67
N LEU A 202 7.43 -15.23 -4.53
CA LEU A 202 7.71 -14.27 -3.48
C LEU A 202 6.74 -14.46 -2.33
N PRO A 203 7.28 -14.59 -1.12
CA PRO A 203 6.38 -14.70 0.01
C PRO A 203 5.81 -13.33 0.36
N ILE A 204 4.65 -13.31 0.99
CA ILE A 204 4.08 -12.03 1.40
C ILE A 204 4.96 -11.43 2.49
N GLN A 205 5.33 -10.16 2.31
CA GLN A 205 6.10 -9.41 3.29
C GLN A 205 5.12 -8.53 4.06
N GLU A 206 4.96 -8.79 5.36
CA GLU A 206 3.94 -8.16 6.18
C GLU A 206 4.60 -7.32 7.28
N PHE A 207 4.24 -6.03 7.33
CA PHE A 207 4.76 -5.07 8.28
C PHE A 207 3.67 -4.67 9.27
N HIS A 208 4.01 -4.59 10.55
CA HIS A 208 3.12 -4.06 11.57
C HIS A 208 3.70 -2.76 12.10
N LEU A 209 2.97 -1.66 11.85
CA LEU A 209 3.49 -0.32 12.14
C LEU A 209 3.78 -0.12 13.63
N SER A 210 2.91 -0.63 14.50
CA SER A 210 3.10 -0.43 15.93
C SER A 210 4.42 -1.01 16.41
N ARG A 211 4.84 -2.13 15.81
CA ARG A 211 6.12 -2.74 16.17
C ARG A 211 7.29 -1.85 15.77
N ILE A 212 7.19 -1.22 14.61
CA ILE A 212 8.25 -0.30 14.17
C ILE A 212 8.39 0.83 15.18
N LEU A 213 7.27 1.48 15.54
CA LEU A 213 7.31 2.59 16.47
C LEU A 213 7.85 2.16 17.83
N GLN A 214 7.43 0.98 18.30
CA GLN A 214 7.88 0.50 19.60
C GLN A 214 9.37 0.17 19.59
N GLU A 215 9.85 -0.43 18.50
CA GLU A 215 11.26 -0.79 18.43
C GLU A 215 12.15 0.44 18.37
N LEU A 216 11.77 1.42 17.55
CA LEU A 216 12.56 2.64 17.39
C LEU A 216 12.29 3.66 18.49
N GLY A 217 11.30 3.44 19.34
CA GLY A 217 10.96 4.41 20.37
C GLY A 217 10.51 5.73 19.79
N LEU A 218 9.68 5.67 18.75
CA LEU A 218 9.15 6.84 18.08
C LEU A 218 7.62 6.83 18.14
N ASN A 219 7.02 8.00 18.02
CA ASN A 219 5.59 8.12 17.72
C ASN A 219 5.42 8.36 16.21
N GLN A 220 4.15 8.44 15.80
CA GLN A 220 3.86 8.51 14.36
C GLN A 220 4.44 9.78 13.73
N GLU A 221 4.32 10.92 14.41
CA GLU A 221 4.87 12.16 13.87
C GLU A 221 6.37 12.04 13.64
N GLN A 222 7.10 11.47 14.61
CA GLN A 222 8.54 11.31 14.45
C GLN A 222 8.85 10.32 13.33
N PHE A 223 8.04 9.26 13.22
CA PHE A 223 8.21 8.30 12.14
C PHE A 223 8.01 8.95 10.78
N VAL A 224 7.04 9.88 10.69
CA VAL A 224 6.81 10.60 9.44
C VAL A 224 8.04 11.41 9.05
N ASP A 225 8.63 12.12 10.01
CA ASP A 225 9.82 12.91 9.73
C ASP A 225 10.99 12.01 9.33
N LEU A 226 11.12 10.85 9.98
CA LEU A 226 12.12 9.88 9.57
C LEU A 226 11.93 9.47 8.12
N CYS A 227 10.68 9.16 7.73
CA CYS A 227 10.43 8.73 6.36
C CYS A 227 10.73 9.83 5.36
N ILE A 228 10.48 11.09 5.76
CA ILE A 228 10.85 12.22 4.92
C ILE A 228 12.36 12.27 4.73
N LEU A 229 13.11 12.01 5.81
CA LEU A 229 14.56 12.01 5.72
C LEU A 229 15.06 10.83 4.91
N LEU A 230 14.35 9.71 4.93
CA LEU A 230 14.73 8.56 4.13
C LEU A 230 14.56 8.85 2.64
N GLY A 231 13.49 9.55 2.28
CA GLY A 231 13.23 9.89 0.89
C GLY A 231 11.83 9.51 0.47
N SER A 232 10.95 10.50 0.31
CA SER A 232 9.54 10.28 0.02
C SER A 232 9.18 10.89 -1.32
N ASP A 233 7.93 10.63 -1.74
CA ASP A 233 7.46 11.12 -3.03
C ASP A 233 7.26 12.63 -3.04
N TYR A 234 7.10 13.25 -1.88
CA TYR A 234 6.48 14.57 -1.82
C TYR A 234 7.44 15.70 -1.49
N CYS A 235 8.70 15.40 -1.15
CA CYS A 235 9.68 16.45 -0.90
C CYS A 235 11.06 15.82 -0.91
N GLU A 236 12.06 16.69 -0.90
CA GLU A 236 13.44 16.24 -0.92
C GLU A 236 13.86 15.71 0.45
N SER A 237 15.02 15.06 0.48
CA SER A 237 15.68 14.66 1.72
C SER A 237 17.01 15.40 1.82
N ILE A 238 17.69 15.23 2.95
CA ILE A 238 18.98 15.87 3.17
C ILE A 238 20.06 14.99 2.56
N ARG A 239 20.76 15.52 1.57
CA ARG A 239 21.80 14.76 0.91
C ARG A 239 22.91 14.40 1.89
N GLY A 240 23.34 13.14 1.88
CA GLY A 240 24.41 12.68 2.74
C GLY A 240 23.97 12.08 4.06
N ILE A 241 22.69 12.14 4.40
CA ILE A 241 22.20 11.58 5.65
C ILE A 241 21.65 10.19 5.34
N GLY A 242 22.37 9.16 5.77
CA GLY A 242 21.97 7.79 5.54
C GLY A 242 20.81 7.35 6.39
N PRO A 243 20.24 6.19 6.08
CA PRO A 243 19.06 5.71 6.83
C PRO A 243 19.33 5.51 8.32
N LYS A 244 20.39 4.79 8.68
CA LYS A 244 20.72 4.62 10.11
C LYS A 244 20.98 5.96 10.76
N ARG A 245 21.67 6.86 10.05
CA ARG A 245 21.91 8.20 10.59
C ARG A 245 20.61 8.96 10.81
N ALA A 246 19.68 8.85 9.85
CA ALA A 246 18.39 9.53 10.01
C ALA A 246 17.64 9.03 11.24
N VAL A 247 17.71 7.73 11.51
CA VAL A 247 17.10 7.19 12.72
C VAL A 247 17.72 7.82 13.96
N ASP A 248 19.05 7.89 14.00
CA ASP A 248 19.73 8.46 15.16
C ASP A 248 19.34 9.92 15.35
N LEU A 249 19.28 10.70 14.27
CA LEU A 249 18.90 12.10 14.38
C LEU A 249 17.47 12.27 14.87
N ILE A 250 16.55 11.45 14.36
CA ILE A 250 15.15 11.55 14.79
C ILE A 250 15.01 11.15 16.24
N GLN A 251 15.68 10.09 16.67
CA GLN A 251 15.60 9.66 18.06
C GLN A 251 16.14 10.75 18.99
N LYS A 252 17.23 11.42 18.61
CA LYS A 252 17.82 12.42 19.49
C LYS A 252 17.04 13.73 19.44
N HIS A 253 16.79 14.19 18.24
CA HIS A 253 16.16 15.49 18.03
C HIS A 253 14.67 15.63 17.83
N LYS A 254 14.00 14.52 17.57
CA LYS A 254 12.54 14.42 17.39
C LYS A 254 11.89 14.97 16.12
N SER A 255 12.33 16.12 15.65
CA SER A 255 11.76 16.74 14.48
C SER A 255 12.81 17.29 13.54
N ILE A 256 12.41 17.42 12.29
CA ILE A 256 13.31 17.95 11.26
C ILE A 256 13.71 19.38 11.58
N GLU A 257 12.76 20.17 12.10
CA GLU A 257 13.08 21.55 12.46
C GLU A 257 14.24 21.62 13.46
N GLU A 258 14.23 20.74 14.47
CA GLU A 258 15.32 20.72 15.44
C GLU A 258 16.59 20.16 14.81
N ILE A 259 16.47 19.12 13.98
CA ILE A 259 17.64 18.57 13.29
C ILE A 259 18.35 19.65 12.50
N VAL A 260 17.60 20.51 11.81
CA VAL A 260 18.19 21.55 10.98
C VAL A 260 18.95 22.55 11.86
N ARG A 261 18.46 22.81 13.07
CA ARG A 261 19.19 23.69 13.97
C ARG A 261 20.50 23.07 14.42
N ARG A 262 20.55 21.74 14.52
CA ARG A 262 21.71 21.05 15.09
C ARG A 262 22.71 20.58 14.06
N LEU A 263 22.33 20.51 12.79
CA LEU A 263 23.24 20.06 11.75
C LEU A 263 24.19 21.18 11.33
N ASP A 264 25.41 20.80 10.98
CA ASP A 264 26.37 21.75 10.44
C ASP A 264 26.00 22.09 9.00
N PRO A 265 25.52 23.30 8.72
CA PRO A 265 25.15 23.63 7.34
C PRO A 265 26.33 23.52 6.38
N ASN A 266 27.56 23.66 6.88
CA ASN A 266 28.73 23.54 6.03
C ASN A 266 28.96 22.11 5.58
N LYS A 267 28.50 21.12 6.36
CA LYS A 267 28.63 19.71 6.01
C LYS A 267 27.36 19.13 5.39
N TYR A 268 26.20 19.44 5.96
CA TYR A 268 24.91 18.90 5.51
C TYR A 268 23.94 20.02 5.22
N PRO A 269 24.11 20.75 4.11
CA PRO A 269 23.13 21.76 3.74
C PRO A 269 21.80 21.12 3.38
N VAL A 270 20.71 21.75 3.80
CA VAL A 270 19.37 21.22 3.54
C VAL A 270 18.92 21.69 2.16
N PRO A 271 17.95 21.03 1.53
CA PRO A 271 17.45 21.53 0.24
C PRO A 271 16.87 22.93 0.39
N GLU A 272 16.98 23.70 -0.69
CA GLU A 272 16.39 25.04 -0.69
C GLU A 272 14.90 24.92 -1.00
N ASN A 273 14.11 25.80 -0.37
CA ASN A 273 12.65 25.79 -0.48
C ASN A 273 12.09 24.41 -0.13
N TRP A 274 12.60 23.84 0.96
CA TRP A 274 12.27 22.48 1.36
C TRP A 274 10.83 22.39 1.80
N LEU A 275 10.09 21.43 1.24
CA LEU A 275 8.66 21.26 1.51
C LEU A 275 8.39 20.21 2.57
N HIS A 276 9.28 20.05 3.54
CA HIS A 276 9.13 18.96 4.51
C HIS A 276 7.93 19.19 5.41
N LYS A 277 7.63 20.45 5.74
CA LYS A 277 6.44 20.74 6.54
C LYS A 277 5.18 20.35 5.78
N GLU A 278 5.13 20.65 4.48
CA GLU A 278 3.96 20.31 3.68
C GLU A 278 3.82 18.80 3.53
N ALA A 279 4.92 18.09 3.29
CA ALA A 279 4.86 16.63 3.19
C ALA A 279 4.47 16.02 4.53
N HIS A 280 4.99 16.56 5.63
CA HIS A 280 4.64 16.09 6.96
C HIS A 280 3.15 16.18 7.20
N GLN A 281 2.55 17.32 6.84
CA GLN A 281 1.12 17.52 7.02
C GLN A 281 0.32 16.54 6.15
N LEU A 282 0.81 16.29 4.94
CA LEU A 282 0.11 15.37 4.03
C LEU A 282 0.07 13.95 4.60
N PHE A 283 1.19 13.48 5.14
CA PHE A 283 1.22 12.15 5.71
C PHE A 283 0.34 12.05 6.95
N LEU A 284 0.30 13.11 7.76
CA LEU A 284 -0.46 13.04 9.01
C LEU A 284 -1.94 13.26 8.77
N GLU A 285 -2.30 14.13 7.84
CA GLU A 285 -3.70 14.49 7.59
C GLU A 285 -4.05 14.35 6.12
N PRO A 286 -3.91 13.14 5.56
CA PRO A 286 -4.24 12.97 4.14
C PRO A 286 -5.74 13.05 3.92
N GLU A 287 -6.11 13.45 2.71
CA GLU A 287 -7.50 13.35 2.30
C GLU A 287 -7.78 11.89 1.98
N VAL A 288 -8.76 11.29 2.68
CA VAL A 288 -9.07 9.87 2.54
C VAL A 288 -10.57 9.68 2.48
N LEU A 289 -10.98 8.54 1.93
CA LEU A 289 -12.39 8.17 1.91
C LEU A 289 -12.88 7.89 3.32
N ASP A 290 -14.21 7.91 3.48
CA ASP A 290 -14.82 7.54 4.74
C ASP A 290 -15.12 6.05 4.72
N PRO A 291 -14.46 5.24 5.55
CA PRO A 291 -14.69 3.78 5.48
C PRO A 291 -16.13 3.37 5.78
N GLU A 292 -16.91 4.23 6.44
CA GLU A 292 -18.27 3.87 6.81
C GLU A 292 -19.28 4.15 5.69
N SER A 293 -18.88 4.86 4.63
CA SER A 293 -19.86 5.30 3.64
C SER A 293 -20.35 4.15 2.78
N VAL A 294 -19.48 3.20 2.44
CA VAL A 294 -19.83 2.09 1.57
C VAL A 294 -19.57 0.77 2.30
N GLU A 295 -20.62 -0.04 2.43
CA GLU A 295 -20.48 -1.40 2.95
C GLU A 295 -19.89 -2.29 1.87
N LEU A 296 -18.70 -2.83 2.14
CA LEU A 296 -18.01 -3.66 1.15
C LEU A 296 -18.68 -5.02 1.04
N LYS A 297 -18.89 -5.46 -0.21
CA LYS A 297 -19.57 -6.71 -0.51
C LYS A 297 -18.78 -7.50 -1.55
N TRP A 298 -18.74 -8.82 -1.36
CA TRP A 298 -18.15 -9.73 -2.33
C TRP A 298 -19.24 -10.69 -2.79
N SER A 299 -19.42 -10.79 -4.11
CA SER A 299 -20.55 -11.52 -4.65
C SER A 299 -20.09 -12.44 -5.79
N GLU A 300 -21.04 -13.17 -6.35
CA GLU A 300 -20.73 -14.12 -7.40
C GLU A 300 -20.49 -13.38 -8.73
N PRO A 301 -19.59 -13.89 -9.56
CA PRO A 301 -19.34 -13.25 -10.87
C PRO A 301 -20.49 -13.48 -11.85
N ASN A 302 -20.59 -12.55 -12.81
CA ASN A 302 -21.48 -12.70 -13.96
C ASN A 302 -20.66 -13.35 -15.06
N GLU A 303 -20.65 -14.67 -15.06
CA GLU A 303 -19.79 -15.41 -15.96
C GLU A 303 -19.98 -15.14 -17.43
N GLU A 304 -21.22 -15.10 -17.89
CA GLU A 304 -21.46 -14.85 -19.31
C GLU A 304 -21.01 -13.46 -19.76
N GLU A 305 -21.31 -12.43 -18.96
CA GLU A 305 -20.87 -11.09 -19.27
C GLU A 305 -19.36 -11.02 -19.20
N LEU A 306 -18.80 -11.71 -18.23
CA LEU A 306 -17.34 -11.69 -18.08
C LEU A 306 -16.66 -12.24 -19.33
N ILE A 307 -17.13 -13.39 -19.82
CA ILE A 307 -16.61 -13.96 -21.06
C ILE A 307 -16.80 -13.00 -22.21
N LYS A 308 -18.00 -12.40 -22.30
CA LYS A 308 -18.32 -11.51 -23.41
C LYS A 308 -17.39 -10.29 -23.43
N PHE A 309 -17.14 -9.70 -22.27
CA PHE A 309 -16.30 -8.51 -22.20
C PHE A 309 -14.83 -8.86 -22.45
N MET A 310 -14.33 -9.91 -21.79
CA MET A 310 -12.89 -10.20 -21.85
C MET A 310 -12.51 -10.86 -23.16
N CYS A 311 -13.40 -11.66 -23.73
CA CYS A 311 -13.10 -12.39 -24.96
C CYS A 311 -13.66 -11.70 -26.20
N GLY A 312 -14.92 -11.31 -26.16
CA GLY A 312 -15.52 -10.63 -27.30
C GLY A 312 -14.97 -9.22 -27.49
N GLU A 313 -14.92 -8.43 -26.43
CA GLU A 313 -14.51 -7.04 -26.58
C GLU A 313 -13.00 -6.88 -26.47
N LYS A 314 -12.37 -7.56 -25.52
CA LYS A 314 -10.96 -7.37 -25.25
C LYS A 314 -10.07 -8.44 -25.88
N GLN A 315 -10.64 -9.41 -26.59
CA GLN A 315 -9.89 -10.35 -27.44
C GLN A 315 -9.01 -11.31 -26.64
N PHE A 316 -9.32 -11.56 -25.37
CA PHE A 316 -8.59 -12.57 -24.64
C PHE A 316 -9.15 -13.96 -24.95
N SER A 317 -8.36 -14.98 -24.61
CA SER A 317 -8.72 -16.35 -24.95
C SER A 317 -9.96 -16.80 -24.19
N GLU A 318 -10.91 -17.38 -24.93
CA GLU A 318 -12.11 -17.91 -24.29
C GLU A 318 -11.76 -19.03 -23.31
N GLU A 319 -10.84 -19.91 -23.70
CA GLU A 319 -10.45 -21.01 -22.81
C GLU A 319 -9.78 -20.49 -21.54
N ARG A 320 -8.85 -19.53 -21.69
CA ARG A 320 -8.19 -18.95 -20.52
C ARG A 320 -9.19 -18.29 -19.58
N ILE A 321 -10.13 -17.52 -20.13
CA ILE A 321 -11.10 -16.82 -19.29
C ILE A 321 -12.02 -17.81 -18.60
N ARG A 322 -12.53 -18.80 -19.36
CA ARG A 322 -13.42 -19.80 -18.77
C ARG A 322 -12.75 -20.57 -17.65
N SER A 323 -11.48 -20.95 -17.83
CA SER A 323 -10.75 -21.65 -16.78
C SER A 323 -10.67 -20.80 -15.52
N GLY A 324 -10.32 -19.52 -15.67
CA GLY A 324 -10.27 -18.63 -14.52
C GLY A 324 -11.62 -18.43 -13.87
N VAL A 325 -12.65 -18.24 -14.68
CA VAL A 325 -14.00 -18.02 -14.16
C VAL A 325 -14.48 -19.21 -13.37
N LYS A 326 -14.13 -20.40 -13.83
CA LYS A 326 -14.48 -21.63 -13.13
C LYS A 326 -13.82 -21.64 -11.76
N ARG A 327 -12.55 -21.26 -11.73
CA ARG A 327 -11.81 -21.21 -10.51
C ARG A 327 -12.39 -20.17 -9.56
N LEU A 328 -12.80 -19.04 -10.10
CA LEU A 328 -13.38 -17.99 -9.27
C LEU A 328 -14.64 -18.47 -8.57
N SER A 329 -15.54 -19.14 -9.30
CA SER A 329 -16.75 -19.65 -8.67
C SER A 329 -16.45 -20.76 -7.67
N LYS A 330 -15.51 -21.63 -8.01
CA LYS A 330 -15.17 -22.74 -7.12
C LYS A 330 -14.58 -22.29 -5.79
N SER A 331 -14.07 -21.08 -5.75
CA SER A 331 -13.48 -20.58 -4.51
C SER A 331 -14.51 -19.84 -3.67
#